data_4D5O
#
_entry.id   4D5O
#
_cell.length_a   83.232
_cell.length_b   83.093
_cell.length_c   110.089
_cell.angle_alpha   90.00
_cell.angle_beta   90.00
_cell.angle_gamma   90.00
#
_symmetry.space_group_name_H-M   'I 2 2 2'
#
loop_
_entity.id
_entity.type
_entity.pdbx_description
1 polymer 'CELLULOSE 1,4-BETA-CELLOBIOSIDASE'
2 branched beta-D-xylopyranose-(1-4)-beta-D-xylopyranose-(1-4)-beta-D-xylopyranose-(1-4)-beta-D-xylopyranose
3 branched beta-D-galactopyranose-(1-4)-beta-D-glucopyranose
4 non-polymer 'COBALT (II) ION'
5 non-polymer 2-acetamido-2-deoxy-beta-D-glucopyranose
6 non-polymer GLYCEROL
7 water water
#
_entity_poly.entity_id   1
_entity_poly.type   'polypeptide(L)'
_entity_poly.pdbx_seq_one_letter_code
;(PCA)SACTLQSETHPPLTWQKCSSGGTCTQQTGSVVIDANWRWTHATNSSTNCYDGNTWSSTLCPDNETCAKNCCLDGA
AYASTYGVTTSGNSLSIDFVTQSAQKNVGARLYLMASDTTYQEFTLLGNEFSFDVDVSQLPCGLNGALYFVSMDADGGVS
KYPTNTAGAKYGTGYCDSQCPRDLKFINGQANVEGWEPSSNNANTGIGGHGSCCSQMDIWEANSISEALTPHPCTTVGQE
ICEGDGCGGTYSDNRYGGTCDPDGCDWNPYRLGNTSFYGPGSSFTLDTTKKLTVVTQFETSGAINRYYVQNGVTFQQPNA
ELGSYSGNELNDDYCTAEEAEFGGSSFSDKGGLTQFKKATSGGMVLVMSLWDDYYANMLWLDSTYPTNETSSTPGAVRGS
CSTSSGVPAQVESQSPNAKVTFSNIKFGPIGSTGNPSG
;
_entity_poly.pdbx_strand_id   A
#
# COMPACT_ATOMS: atom_id res chain seq x y z
N SER A 2 -23.89 4.76 -0.91
CA SER A 2 -24.39 3.97 -2.05
C SER A 2 -23.49 4.17 -3.28
N ALA A 3 -23.83 3.51 -4.38
CA ALA A 3 -23.13 3.69 -5.66
C ALA A 3 -24.06 4.38 -6.65
N CYS A 4 -23.49 5.25 -7.47
CA CYS A 4 -24.21 5.90 -8.56
C CYS A 4 -23.57 5.50 -9.88
N THR A 5 -24.26 5.76 -10.98
CA THR A 5 -23.80 5.26 -12.26
C THR A 5 -23.79 6.28 -13.38
N LEU A 6 -23.55 7.55 -13.03
CA LEU A 6 -23.32 8.57 -14.03
C LEU A 6 -22.06 8.27 -14.84
N GLN A 7 -21.06 7.64 -14.21
CA GLN A 7 -19.94 7.02 -14.96
C GLN A 7 -19.95 5.52 -14.67
N SER A 8 -19.91 4.71 -15.72
CA SER A 8 -19.95 3.26 -15.52
C SER A 8 -18.66 2.77 -14.85
N GLU A 9 -18.78 1.69 -14.08
CA GLU A 9 -17.60 1.10 -13.44
C GLU A 9 -17.21 -0.21 -14.18
N THR A 10 -16.11 -0.16 -14.94
CA THR A 10 -15.51 -1.35 -15.57
C THR A 10 -14.10 -1.57 -15.01
N HIS A 11 -13.95 -2.59 -14.17
CA HIS A 11 -12.64 -2.86 -13.54
C HIS A 11 -11.64 -3.36 -14.59
N PRO A 12 -10.45 -2.74 -14.68
CA PRO A 12 -9.48 -3.26 -15.67
C PRO A 12 -9.12 -4.71 -15.32
N PRO A 13 -9.14 -5.65 -16.31
CA PRO A 13 -8.83 -7.04 -15.97
CA PRO A 13 -8.83 -7.05 -16.00
C PRO A 13 -7.35 -7.23 -15.69
N LEU A 14 -7.02 -8.26 -14.89
CA LEU A 14 -5.63 -8.57 -14.56
C LEU A 14 -5.57 -10.05 -14.24
N THR A 15 -4.71 -10.76 -14.93
CA THR A 15 -4.48 -12.17 -14.62
C THR A 15 -3.28 -12.36 -13.72
N TRP A 16 -3.26 -13.51 -13.06
CA TRP A 16 -2.20 -13.89 -12.15
C TRP A 16 -2.13 -15.41 -12.07
N GLN A 17 -1.01 -15.94 -11.58
CA GLN A 17 -0.83 -17.39 -11.53
C GLN A 17 -0.99 -17.93 -10.12
N LYS A 18 -1.79 -18.99 -9.99
CA LYS A 18 -1.88 -19.77 -8.76
CA LYS A 18 -1.87 -19.76 -8.76
C LYS A 18 -1.09 -21.05 -8.96
N CYS A 19 -0.05 -21.24 -8.15
CA CYS A 19 0.86 -22.37 -8.31
C CYS A 19 0.60 -23.36 -7.23
N SER A 20 0.94 -24.62 -7.54
CA SER A 20 0.74 -25.70 -6.59
CA SER A 20 0.74 -25.70 -6.59
C SER A 20 2.05 -26.40 -6.24
N SER A 21 2.02 -27.12 -5.14
CA SER A 21 3.20 -27.85 -4.69
C SER A 21 3.66 -28.92 -5.68
N GLY A 22 2.73 -29.50 -6.45
CA GLY A 22 3.06 -30.48 -7.47
C GLY A 22 3.84 -29.93 -8.65
N GLY A 23 4.07 -28.61 -8.68
CA GLY A 23 4.98 -28.03 -9.66
C GLY A 23 4.38 -27.34 -10.88
N THR A 24 3.06 -27.19 -10.91
CA THR A 24 2.42 -26.49 -12.03
C THR A 24 1.75 -25.20 -11.51
N CYS A 25 1.55 -24.27 -12.42
CA CYS A 25 0.80 -23.04 -12.15
C CYS A 25 -0.37 -22.95 -13.14
N THR A 26 -1.49 -22.41 -12.66
CA THR A 26 -2.65 -22.16 -13.52
CA THR A 26 -2.71 -22.20 -13.46
C THR A 26 -3.12 -20.72 -13.42
N GLN A 27 -3.51 -20.20 -14.58
CA GLN A 27 -3.92 -18.81 -14.69
C GLN A 27 -5.26 -18.55 -14.01
N GLN A 28 -5.32 -17.44 -13.28
CA GLN A 28 -6.53 -16.96 -12.65
C GLN A 28 -6.87 -15.63 -13.30
N THR A 29 -8.15 -15.32 -13.40
CA THR A 29 -8.60 -14.04 -13.99
C THR A 29 -9.28 -13.23 -12.90
N GLY A 30 -8.69 -12.08 -12.56
CA GLY A 30 -9.29 -11.11 -11.65
C GLY A 30 -9.36 -9.77 -12.34
N SER A 31 -9.42 -8.70 -11.55
CA SER A 31 -9.46 -7.35 -12.10
C SER A 31 -9.01 -6.41 -10.98
N VAL A 32 -8.87 -5.13 -11.30
CA VAL A 32 -8.49 -4.16 -10.26
C VAL A 32 -9.55 -3.11 -10.09
N VAL A 33 -9.71 -2.64 -8.85
CA VAL A 33 -10.65 -1.57 -8.54
C VAL A 33 -9.94 -0.44 -7.79
N ILE A 34 -10.29 0.80 -8.11
CA ILE A 34 -9.72 1.97 -7.42
C ILE A 34 -10.45 2.24 -6.10
N ASP A 35 -9.65 2.52 -5.06
CA ASP A 35 -10.16 2.93 -3.73
C ASP A 35 -11.19 4.07 -3.84
N ALA A 36 -12.21 3.98 -2.98
CA ALA A 36 -13.31 4.95 -2.91
C ALA A 36 -12.86 6.41 -2.75
N ASN A 37 -11.70 6.65 -2.14
CA ASN A 37 -11.24 8.03 -1.86
C ASN A 37 -10.91 8.79 -3.10
N TRP A 38 -10.62 8.07 -4.17
CA TRP A 38 -10.24 8.67 -5.42
C TRP A 38 -11.45 9.06 -6.25
N ARG A 39 -12.62 8.52 -5.87
CA ARG A 39 -13.85 8.66 -6.64
C ARG A 39 -14.54 9.99 -6.45
N TRP A 40 -15.41 10.31 -7.39
CA TRP A 40 -16.36 11.38 -7.24
C TRP A 40 -17.45 10.96 -6.24
N THR A 41 -17.69 11.79 -5.23
CA THR A 41 -18.72 11.54 -4.23
C THR A 41 -19.79 12.62 -4.39
N HIS A 42 -21.00 12.21 -4.76
CA HIS A 42 -22.05 13.19 -5.08
C HIS A 42 -23.41 12.80 -4.50
N ALA A 43 -24.34 13.76 -4.50
CA ALA A 43 -25.71 13.48 -4.07
C ALA A 43 -26.33 12.36 -4.90
N THR A 44 -27.13 11.52 -4.26
CA THR A 44 -27.76 10.37 -4.94
C THR A 44 -28.65 10.79 -6.12
N ASN A 45 -29.31 11.95 -5.98
CA ASN A 45 -30.33 12.41 -6.93
C ASN A 45 -29.90 13.59 -7.81
N SER A 46 -28.60 13.86 -7.90
CA SER A 46 -28.06 14.90 -8.77
C SER A 46 -26.54 14.77 -8.90
N SER A 47 -25.92 15.72 -9.60
CA SER A 47 -24.48 15.73 -9.78
C SER A 47 -23.79 16.72 -8.82
N THR A 48 -24.51 17.16 -7.79
CA THR A 48 -23.98 18.05 -6.78
C THR A 48 -22.94 17.30 -5.93
N ASN A 49 -21.75 17.87 -5.78
CA ASN A 49 -20.68 17.24 -5.00
C ASN A 49 -21.02 17.15 -3.51
N CYS A 50 -20.81 15.98 -2.91
CA CYS A 50 -20.80 15.86 -1.45
C CYS A 50 -19.46 16.26 -0.88
N TYR A 51 -18.41 16.03 -1.66
CA TYR A 51 -17.08 16.39 -1.28
C TYR A 51 -16.45 17.10 -2.45
N ASP A 52 -15.76 18.21 -2.19
CA ASP A 52 -15.19 19.02 -3.25
C ASP A 52 -13.89 19.64 -2.75
N GLY A 53 -12.82 19.43 -3.51
CA GLY A 53 -11.50 19.89 -3.07
C GLY A 53 -11.11 19.11 -1.83
N ASN A 54 -11.11 19.79 -0.68
CA ASN A 54 -10.86 19.12 0.59
C ASN A 54 -11.87 19.42 1.65
N THR A 55 -13.07 19.78 1.21
CA THR A 55 -14.12 20.08 2.14
C THR A 55 -15.43 19.39 1.75
N TRP A 56 -16.30 19.25 2.75
CA TRP A 56 -17.58 18.59 2.57
C TRP A 56 -18.70 19.60 2.39
N SER A 57 -19.74 19.19 1.70
CA SER A 57 -20.98 19.96 1.61
C SER A 57 -21.64 20.00 2.97
N SER A 58 -21.84 21.20 3.51
CA SER A 58 -22.41 21.32 4.86
C SER A 58 -23.89 20.97 4.85
N THR A 59 -24.51 21.06 3.68
CA THR A 59 -25.95 20.76 3.60
C THR A 59 -26.24 19.30 3.36
N LEU A 60 -25.52 18.71 2.40
CA LEU A 60 -25.67 17.29 2.12
C LEU A 60 -25.06 16.44 3.25
N CYS A 61 -24.01 16.96 3.88
CA CYS A 61 -23.26 16.21 4.88
C CYS A 61 -23.14 16.91 6.25
N PRO A 62 -24.28 17.13 6.97
CA PRO A 62 -24.20 17.78 8.26
C PRO A 62 -23.67 16.88 9.37
N ASP A 63 -23.71 15.57 9.16
CA ASP A 63 -23.20 14.59 10.12
C ASP A 63 -22.89 13.33 9.33
N ASN A 64 -22.24 12.36 9.98
CA ASN A 64 -21.75 11.17 9.26
C ASN A 64 -22.84 10.29 8.64
N GLU A 65 -23.93 10.11 9.38
CA GLU A 65 -25.04 9.27 8.94
CA GLU A 65 -25.05 9.28 8.93
C GLU A 65 -25.83 9.93 7.80
N THR A 66 -26.18 11.21 7.97
CA THR A 66 -26.94 11.91 6.95
C THR A 66 -26.13 11.97 5.66
N CYS A 67 -24.83 12.21 5.80
CA CYS A 67 -23.97 12.26 4.63
C CYS A 67 -24.00 10.94 3.83
N ALA A 68 -23.85 9.82 4.54
CA ALA A 68 -23.87 8.50 3.87
C ALA A 68 -25.19 8.17 3.16
N LYS A 69 -26.30 8.59 3.77
CA LYS A 69 -27.61 8.45 3.19
C LYS A 69 -27.79 9.32 1.93
N ASN A 70 -27.25 10.53 1.98
CA ASN A 70 -27.40 11.48 0.89
C ASN A 70 -26.47 11.26 -0.30
N CYS A 71 -25.39 10.51 -0.06
CA CYS A 71 -24.28 10.54 -0.98
C CYS A 71 -23.92 9.17 -1.54
N CYS A 72 -23.42 9.19 -2.76
CA CYS A 72 -22.92 8.00 -3.44
C CYS A 72 -21.52 8.17 -4.06
N LEU A 73 -20.86 7.04 -4.25
CA LEU A 73 -19.63 6.95 -5.03
C LEU A 73 -19.99 6.58 -6.46
N ASP A 74 -19.28 7.17 -7.41
CA ASP A 74 -19.54 6.90 -8.82
C ASP A 74 -18.38 6.14 -9.45
N GLY A 75 -18.58 5.72 -10.70
CA GLY A 75 -17.56 4.98 -11.43
C GLY A 75 -16.34 5.80 -11.79
N ALA A 76 -15.29 5.08 -12.17
CA ALA A 76 -13.99 5.63 -12.54
C ALA A 76 -13.64 5.39 -14.02
N ALA A 77 -13.20 6.44 -14.70
CA ALA A 77 -12.59 6.32 -16.01
C ALA A 77 -11.12 6.00 -15.71
N TYR A 78 -10.79 4.71 -15.66
CA TYR A 78 -9.47 4.26 -15.17
C TYR A 78 -8.30 4.88 -15.90
N ALA A 79 -8.32 4.86 -17.23
CA ALA A 79 -7.20 5.41 -17.96
C ALA A 79 -7.20 6.95 -18.04
N SER A 80 -8.32 7.51 -18.49
CA SER A 80 -8.32 8.94 -18.78
CA SER A 80 -8.43 8.94 -18.77
C SER A 80 -8.32 9.82 -17.52
N THR A 81 -8.96 9.37 -16.45
CA THR A 81 -8.95 10.16 -15.24
C THR A 81 -7.80 9.75 -14.35
N TYR A 82 -7.56 8.44 -14.24
CA TYR A 82 -6.64 7.97 -13.17
C TYR A 82 -5.27 7.44 -13.61
N GLY A 83 -5.07 7.31 -14.92
CA GLY A 83 -3.76 6.86 -15.40
C GLY A 83 -3.51 5.40 -15.08
N VAL A 84 -4.57 4.63 -14.90
CA VAL A 84 -4.45 3.20 -14.57
C VAL A 84 -4.81 2.37 -15.80
N THR A 85 -3.86 1.53 -16.22
CA THR A 85 -4.10 0.62 -17.35
C THR A 85 -3.61 -0.80 -17.01
N THR A 86 -4.19 -1.80 -17.67
CA THR A 86 -3.70 -3.16 -17.53
C THR A 86 -3.57 -3.76 -18.90
N SER A 87 -2.72 -4.79 -18.99
CA SER A 87 -2.55 -5.59 -20.21
C SER A 87 -2.11 -6.97 -19.78
N GLY A 88 -3.01 -7.94 -19.90
CA GLY A 88 -2.76 -9.33 -19.49
C GLY A 88 -2.42 -9.40 -18.01
N ASN A 89 -1.17 -9.73 -17.72
CA ASN A 89 -0.70 -9.83 -16.32
C ASN A 89 0.02 -8.58 -15.81
N SER A 90 -0.04 -7.49 -16.58
CA SER A 90 0.64 -6.26 -16.23
C SER A 90 -0.32 -5.12 -15.87
N LEU A 91 0.06 -4.34 -14.85
CA LEU A 91 -0.68 -3.16 -14.40
C LEU A 91 0.27 -1.99 -14.34
N SER A 92 -0.12 -0.86 -14.93
CA SER A 92 0.66 0.38 -14.85
C SER A 92 -0.15 1.48 -14.20
N ILE A 93 0.52 2.28 -13.38
CA ILE A 93 -0.09 3.43 -12.70
C ILE A 93 0.78 4.65 -12.98
N ASP A 94 0.18 5.69 -13.57
CA ASP A 94 0.88 6.95 -13.86
C ASP A 94 0.76 7.84 -12.64
N PHE A 95 1.76 8.69 -12.42
CA PHE A 95 1.76 9.59 -11.27
C PHE A 95 0.76 10.74 -11.33
N VAL A 96 0.88 11.65 -12.31
CA VAL A 96 -0.07 12.76 -12.40
C VAL A 96 -0.78 12.60 -13.73
N THR A 97 -2.11 12.59 -13.67
CA THR A 97 -2.93 12.50 -14.89
C THR A 97 -3.81 13.73 -14.99
N GLN A 98 -3.66 14.47 -16.10
CA GLN A 98 -4.47 15.65 -16.35
C GLN A 98 -5.67 15.29 -17.20
N SER A 99 -6.86 15.46 -16.65
CA SER A 99 -8.09 15.45 -17.44
C SER A 99 -8.74 16.81 -17.24
N ALA A 100 -10.04 16.83 -16.94
CA ALA A 100 -10.68 18.07 -16.53
C ALA A 100 -9.96 18.63 -15.32
N GLN A 101 -9.56 17.74 -14.42
CA GLN A 101 -8.81 18.14 -13.25
C GLN A 101 -7.56 17.26 -13.16
N LYS A 102 -6.64 17.63 -12.27
CA LYS A 102 -5.44 16.87 -12.08
C LYS A 102 -5.71 15.74 -11.07
N ASN A 103 -5.33 14.50 -11.40
CA ASN A 103 -5.35 13.39 -10.43
C ASN A 103 -3.92 13.01 -10.04
N VAL A 104 -3.70 12.73 -8.76
CA VAL A 104 -2.41 12.19 -8.30
C VAL A 104 -2.52 10.74 -7.84
N GLY A 105 -1.87 9.87 -8.61
CA GLY A 105 -1.67 8.44 -8.27
C GLY A 105 -2.96 7.65 -8.17
N ALA A 106 -2.91 6.53 -7.43
CA ALA A 106 -4.04 5.61 -7.34
C ALA A 106 -3.74 4.58 -6.26
N ARG A 107 -4.78 4.04 -5.63
CA ARG A 107 -4.64 2.85 -4.80
C ARG A 107 -5.67 1.84 -5.33
N LEU A 108 -5.19 0.62 -5.60
CA LEU A 108 -5.98 -0.39 -6.33
C LEU A 108 -6.02 -1.69 -5.55
N TYR A 109 -7.15 -2.41 -5.60
CA TYR A 109 -7.26 -3.75 -4.97
C TYR A 109 -7.52 -4.79 -6.02
N LEU A 110 -6.95 -6.00 -5.84
CA LEU A 110 -7.21 -7.09 -6.77
C LEU A 110 -8.57 -7.74 -6.41
N MET A 111 -9.41 -7.92 -7.42
CA MET A 111 -10.74 -8.47 -7.20
CA MET A 111 -10.75 -8.45 -7.25
C MET A 111 -10.80 -9.93 -7.62
N ALA A 112 -11.70 -10.66 -6.95
CA ALA A 112 -12.07 -12.04 -7.26
C ALA A 112 -13.26 -12.04 -8.26
N SER A 113 -14.15 -11.08 -8.08
CA SER A 113 -15.29 -10.91 -8.96
C SER A 113 -15.54 -9.43 -8.99
N ASP A 114 -16.53 -9.03 -9.78
CA ASP A 114 -16.93 -7.64 -9.97
CA ASP A 114 -16.78 -7.60 -9.93
C ASP A 114 -17.33 -6.97 -8.67
N THR A 115 -17.69 -7.79 -7.68
CA THR A 115 -18.25 -7.27 -6.41
C THR A 115 -17.52 -7.77 -5.13
N THR A 116 -16.39 -8.48 -5.30
CA THR A 116 -15.66 -9.01 -4.14
C THR A 116 -14.14 -8.92 -4.36
N TYR A 117 -13.41 -8.69 -3.29
CA TYR A 117 -11.94 -8.67 -3.33
C TYR A 117 -11.40 -10.11 -3.31
N GLN A 118 -10.24 -10.32 -3.94
CA GLN A 118 -9.53 -11.60 -3.81
C GLN A 118 -8.83 -11.65 -2.41
N GLU A 119 -9.06 -12.72 -1.65
CA GLU A 119 -8.36 -12.89 -0.38
C GLU A 119 -7.25 -13.92 -0.56
N PHE A 120 -6.09 -13.64 0.02
CA PHE A 120 -4.92 -14.55 0.02
C PHE A 120 -4.55 -14.88 1.46
N THR A 121 -4.27 -16.15 1.74
CA THR A 121 -3.74 -16.57 3.02
C THR A 121 -2.24 -16.68 2.80
N LEU A 122 -1.47 -15.73 3.35
CA LEU A 122 -0.02 -15.69 3.11
C LEU A 122 0.77 -16.79 3.80
N LEU A 123 0.33 -17.23 4.99
CA LEU A 123 1.13 -18.16 5.78
C LEU A 123 1.31 -19.53 5.12
N GLY A 124 2.59 -19.93 5.00
CA GLY A 124 3.00 -21.14 4.29
C GLY A 124 3.17 -20.97 2.80
N ASN A 125 2.86 -19.76 2.30
CA ASN A 125 2.88 -19.50 0.88
C ASN A 125 3.91 -18.44 0.55
N GLU A 126 4.10 -18.27 -0.76
CA GLU A 126 4.96 -17.22 -1.27
C GLU A 126 4.28 -16.42 -2.35
N PHE A 127 4.70 -15.16 -2.48
CA PHE A 127 4.11 -14.23 -3.44
C PHE A 127 5.26 -13.69 -4.27
N SER A 128 5.16 -13.82 -5.59
CA SER A 128 6.15 -13.35 -6.56
C SER A 128 5.54 -12.30 -7.48
N PHE A 129 6.27 -11.26 -7.76
CA PHE A 129 5.85 -10.29 -8.79
C PHE A 129 7.07 -9.69 -9.46
N ASP A 130 6.86 -9.17 -10.67
CA ASP A 130 7.86 -8.36 -11.34
C ASP A 130 7.51 -6.89 -11.24
N VAL A 131 8.53 -6.04 -11.15
CA VAL A 131 8.27 -4.62 -11.08
C VAL A 131 9.28 -3.86 -11.91
N ASP A 132 8.82 -2.78 -12.55
CA ASP A 132 9.69 -1.80 -13.16
C ASP A 132 9.55 -0.51 -12.34
N VAL A 133 10.58 -0.18 -11.58
CA VAL A 133 10.67 1.03 -10.80
C VAL A 133 11.55 2.12 -11.47
N SER A 134 12.01 1.88 -12.70
CA SER A 134 12.91 2.83 -13.39
C SER A 134 12.40 4.27 -13.47
N GLN A 135 11.07 4.42 -13.57
CA GLN A 135 10.46 5.74 -13.67
C GLN A 135 9.97 6.32 -12.33
N LEU A 136 10.53 5.81 -11.22
CA LEU A 136 10.22 6.33 -9.89
C LEU A 136 11.43 7.01 -9.25
N PRO A 137 11.44 8.36 -9.22
CA PRO A 137 12.53 9.10 -8.62
C PRO A 137 12.30 9.29 -7.10
N CYS A 138 13.29 9.88 -6.45
CA CYS A 138 13.18 10.28 -5.05
C CYS A 138 11.81 10.87 -4.70
N GLY A 139 11.22 10.46 -3.56
CA GLY A 139 9.94 11.01 -3.13
C GLY A 139 8.70 10.31 -3.64
N LEU A 140 8.87 9.35 -4.56
CA LEU A 140 7.76 8.51 -5.07
C LEU A 140 7.79 7.11 -4.46
N ASN A 141 6.63 6.47 -4.35
CA ASN A 141 6.51 5.12 -3.78
C ASN A 141 5.49 4.34 -4.58
N GLY A 142 6.02 3.37 -5.34
CA GLY A 142 5.21 2.33 -5.99
C GLY A 142 5.10 1.18 -5.01
N ALA A 143 3.91 1.01 -4.44
CA ALA A 143 3.73 0.08 -3.35
C ALA A 143 2.89 -1.15 -3.71
N LEU A 144 3.33 -2.32 -3.26
CA LEU A 144 2.56 -3.53 -3.34
C LEU A 144 2.53 -4.14 -1.96
N TYR A 145 1.33 -4.37 -1.46
CA TYR A 145 1.19 -4.82 -0.09
C TYR A 145 -0.15 -5.50 0.18
N PHE A 146 -0.32 -6.04 1.40
CA PHE A 146 -1.53 -6.77 1.76
C PHE A 146 -2.11 -6.14 3.02
N VAL A 147 -3.44 -6.10 3.10
CA VAL A 147 -4.14 -5.62 4.35
C VAL A 147 -5.30 -6.53 4.67
N SER A 148 -5.64 -6.61 5.97
CA SER A 148 -6.69 -7.50 6.46
C SER A 148 -8.07 -6.87 6.28
N MET A 149 -8.49 -6.67 5.04
CA MET A 149 -9.77 -6.08 4.67
C MET A 149 -10.81 -7.19 4.50
N ASP A 150 -12.09 -6.84 4.73
CA ASP A 150 -13.20 -7.74 4.39
C ASP A 150 -13.35 -7.90 2.88
N ALA A 151 -13.68 -9.12 2.44
CA ALA A 151 -13.81 -9.40 1.02
C ALA A 151 -14.93 -8.63 0.34
N ASP A 152 -15.93 -8.21 1.13
CA ASP A 152 -17.03 -7.41 0.60
C ASP A 152 -16.85 -5.92 0.75
N GLY A 153 -15.70 -5.49 1.29
CA GLY A 153 -15.47 -4.07 1.49
C GLY A 153 -16.30 -3.46 2.61
N GLY A 154 -16.87 -4.32 3.45
CA GLY A 154 -17.58 -3.91 4.68
C GLY A 154 -19.11 -3.98 4.67
N VAL A 155 -19.69 -4.36 3.53
CA VAL A 155 -21.15 -4.35 3.33
C VAL A 155 -21.89 -5.20 4.38
N SER A 156 -21.39 -6.40 4.68
CA SER A 156 -22.13 -7.27 5.61
C SER A 156 -22.21 -6.69 7.01
N LYS A 157 -21.19 -5.94 7.40
CA LYS A 157 -21.13 -5.40 8.74
C LYS A 157 -21.86 -4.09 8.85
N TYR A 158 -21.88 -3.36 7.74
CA TYR A 158 -22.36 -1.97 7.70
C TYR A 158 -23.31 -1.75 6.53
N PRO A 159 -24.59 -2.09 6.72
CA PRO A 159 -25.51 -2.10 5.57
C PRO A 159 -25.80 -0.71 4.95
N THR A 160 -25.42 0.39 5.59
CA THR A 160 -25.49 1.71 4.95
C THR A 160 -24.38 1.89 3.89
N ASN A 161 -23.45 0.93 3.85
CA ASN A 161 -22.52 0.79 2.75
C ASN A 161 -23.11 -0.21 1.78
N THR A 162 -23.65 0.27 0.68
CA THR A 162 -24.15 -0.64 -0.35
C THR A 162 -23.28 -0.58 -1.60
N ALA A 163 -22.26 0.28 -1.60
CA ALA A 163 -21.35 0.38 -2.72
C ALA A 163 -20.36 -0.79 -2.73
N GLY A 164 -19.75 -1.06 -1.58
CA GLY A 164 -18.90 -2.25 -1.41
C GLY A 164 -17.61 -2.29 -2.24
N ALA A 165 -17.04 -3.49 -2.33
CA ALA A 165 -15.76 -3.71 -3.04
C ALA A 165 -15.78 -3.25 -4.49
N LYS A 166 -16.94 -3.36 -5.14
CA LYS A 166 -17.10 -2.90 -6.50
C LYS A 166 -16.66 -1.44 -6.69
N TYR A 167 -16.82 -0.66 -5.63
CA TYR A 167 -16.43 0.75 -5.60
C TYR A 167 -15.27 1.01 -4.62
N GLY A 168 -14.54 -0.05 -4.27
CA GLY A 168 -13.30 0.12 -3.47
C GLY A 168 -13.51 0.65 -2.06
N THR A 169 -14.59 0.24 -1.41
CA THR A 169 -14.76 0.60 0.00
C THR A 169 -14.04 -0.36 0.93
N GLY A 170 -13.94 0.06 2.20
CA GLY A 170 -13.49 -0.84 3.24
C GLY A 170 -12.01 -0.83 3.55
N TYR A 171 -11.26 0.12 2.99
CA TYR A 171 -9.83 0.15 3.27
C TYR A 171 -9.50 0.30 4.74
N CYS A 172 -8.39 -0.32 5.12
CA CYS A 172 -7.79 -0.14 6.42
C CYS A 172 -6.31 -0.43 6.22
N ASP A 173 -5.47 0.11 7.09
CA ASP A 173 -4.08 -0.30 7.10
C ASP A 173 -3.47 0.04 8.43
N SER A 174 -2.17 -0.15 8.56
CA SER A 174 -1.53 -0.06 9.90
C SER A 174 -1.29 1.38 10.34
N GLN A 175 -1.64 2.34 9.49
CA GLN A 175 -1.58 3.77 9.89
C GLN A 175 -2.91 4.22 10.46
N CYS A 176 -3.91 3.33 10.49
CA CYS A 176 -5.27 3.67 10.97
C CYS A 176 -5.75 4.95 10.29
N PRO A 177 -5.72 4.96 8.96
CA PRO A 177 -5.88 6.22 8.22
C PRO A 177 -7.20 6.94 8.49
N ARG A 178 -7.07 8.25 8.73
CA ARG A 178 -8.20 9.14 9.02
C ARG A 178 -8.57 10.00 7.81
N ASP A 179 -7.84 9.84 6.71
CA ASP A 179 -8.15 10.62 5.49
C ASP A 179 -9.28 10.01 4.66
N LEU A 180 -9.73 8.80 5.02
CA LEU A 180 -10.82 8.14 4.32
C LEU A 180 -12.12 8.90 4.54
N LYS A 181 -12.84 9.07 3.46
CA LYS A 181 -14.07 9.86 3.44
C LYS A 181 -15.26 9.02 3.93
N PHE A 182 -15.18 7.71 3.75
CA PHE A 182 -16.20 6.79 4.30
C PHE A 182 -15.53 5.68 5.10
N ILE A 183 -16.02 5.47 6.33
CA ILE A 183 -15.56 4.35 7.17
C ILE A 183 -16.80 3.72 7.84
N ASN A 184 -16.91 2.39 7.77
CA ASN A 184 -18.01 1.65 8.43
C ASN A 184 -19.40 2.14 7.98
N GLY A 185 -19.55 2.40 6.70
CA GLY A 185 -20.85 2.76 6.10
C GLY A 185 -21.35 4.15 6.53
N GLN A 186 -20.47 4.92 7.17
CA GLN A 186 -20.77 6.33 7.45
C GLN A 186 -19.73 7.22 6.81
N ALA A 187 -20.08 8.48 6.53
CA ALA A 187 -19.04 9.47 6.19
C ALA A 187 -18.08 9.76 7.36
N ASN A 188 -17.05 10.54 7.08
CA ASN A 188 -16.05 10.94 8.07
C ASN A 188 -16.02 12.48 8.16
N VAL A 189 -17.16 13.10 7.82
CA VAL A 189 -17.31 14.58 7.86
C VAL A 189 -17.18 15.15 9.27
N GLU A 190 -17.69 14.43 10.27
CA GLU A 190 -17.53 14.89 11.65
C GLU A 190 -16.06 14.99 12.04
N GLY A 191 -15.64 16.16 12.52
CA GLY A 191 -14.28 16.36 12.93
C GLY A 191 -13.32 16.65 11.79
N TRP A 192 -13.86 16.76 10.58
CA TRP A 192 -13.02 16.98 9.37
C TRP A 192 -12.19 18.25 9.42
N GLU A 193 -10.90 18.08 9.20
CA GLU A 193 -9.96 19.20 9.08
C GLU A 193 -9.21 19.09 7.76
N PRO A 194 -9.37 20.09 6.89
CA PRO A 194 -8.69 19.98 5.61
C PRO A 194 -7.17 20.03 5.78
N SER A 195 -6.47 19.32 4.90
CA SER A 195 -5.03 19.32 4.90
CA SER A 195 -5.02 19.33 4.88
C SER A 195 -4.52 20.74 4.62
N SER A 196 -3.47 21.14 5.31
CA SER A 196 -2.90 22.45 5.06
C SER A 196 -2.09 22.47 3.77
N ASN A 197 -1.60 21.30 3.34
CA ASN A 197 -0.74 21.25 2.16
CA ASN A 197 -0.69 21.14 2.20
C ASN A 197 -1.31 20.48 0.97
N ASN A 198 -2.46 19.82 1.16
CA ASN A 198 -3.05 19.04 0.07
C ASN A 198 -4.45 19.52 -0.27
N ALA A 199 -4.62 19.98 -1.50
CA ALA A 199 -5.89 20.57 -1.96
C ALA A 199 -7.00 19.54 -2.05
N ASN A 200 -6.63 18.26 -2.00
CA ASN A 200 -7.61 17.18 -2.25
C ASN A 200 -7.94 16.33 -1.02
N THR A 201 -7.34 16.64 0.14
CA THR A 201 -7.44 15.73 1.30
C THR A 201 -7.69 16.41 2.63
N GLY A 202 -8.12 15.62 3.61
CA GLY A 202 -8.25 16.10 4.97
C GLY A 202 -8.11 14.94 5.95
N ILE A 203 -8.48 15.22 7.20
CA ILE A 203 -8.37 14.25 8.30
CA ILE A 203 -8.38 14.26 8.30
C ILE A 203 -9.69 14.34 9.06
N GLY A 204 -10.35 13.20 9.27
CA GLY A 204 -11.64 13.20 9.97
C GLY A 204 -11.54 12.61 11.35
N GLY A 205 -12.70 12.59 12.03
CA GLY A 205 -12.73 12.14 13.40
C GLY A 205 -12.60 10.63 13.56
N HIS A 206 -12.70 9.87 12.46
CA HIS A 206 -12.58 8.41 12.52
C HIS A 206 -11.42 7.94 11.66
N GLY A 207 -10.84 6.79 12.01
CA GLY A 207 -9.82 6.12 11.22
C GLY A 207 -10.17 4.66 11.03
N SER A 208 -9.44 3.98 10.12
CA SER A 208 -9.73 2.57 9.83
C SER A 208 -8.46 1.71 9.92
N CYS A 209 -8.41 0.84 10.94
CA CYS A 209 -7.20 0.12 11.32
C CYS A 209 -7.24 -1.33 10.84
N CYS A 210 -6.08 -1.86 10.49
CA CYS A 210 -5.88 -3.31 10.37
C CYS A 210 -4.44 -3.65 10.02
N SER A 211 -4.14 -4.94 10.21
CA SER A 211 -2.84 -5.50 9.94
C SER A 211 -2.43 -5.26 8.49
N GLN A 212 -1.13 -5.07 8.32
CA GLN A 212 -0.55 -4.71 7.01
C GLN A 212 0.77 -5.41 6.72
N MET A 213 0.84 -6.12 5.59
CA MET A 213 2.10 -6.65 5.14
CA MET A 213 2.10 -6.74 5.10
C MET A 213 2.66 -5.85 3.99
N ASP A 214 3.58 -4.96 4.32
CA ASP A 214 4.17 -4.12 3.30
C ASP A 214 5.24 -4.92 2.60
N ILE A 215 4.85 -5.67 1.56
CA ILE A 215 5.79 -6.46 0.77
CA ILE A 215 5.80 -6.47 0.80
C ILE A 215 6.81 -5.55 0.07
N TRP A 216 6.30 -4.45 -0.48
CA TRP A 216 7.13 -3.63 -1.34
C TRP A 216 6.74 -2.16 -1.26
N GLU A 217 7.63 -1.36 -0.69
CA GLU A 217 7.54 0.08 -0.80
CA GLU A 217 7.53 0.10 -0.77
C GLU A 217 8.85 0.53 -1.36
N ALA A 218 8.80 1.16 -2.54
CA ALA A 218 10.04 1.32 -3.27
C ALA A 218 9.96 2.35 -4.37
N ASN A 219 11.12 2.91 -4.67
CA ASN A 219 11.33 3.63 -5.92
C ASN A 219 12.66 3.17 -6.52
N SER A 220 13.22 3.93 -7.47
CA SER A 220 14.47 3.51 -8.11
C SER A 220 15.69 3.59 -7.19
N ILE A 221 15.50 4.22 -6.04
CA ILE A 221 16.59 4.48 -5.06
C ILE A 221 16.60 3.55 -3.83
N SER A 222 15.44 3.28 -3.26
CA SER A 222 15.34 2.46 -2.04
C SER A 222 14.11 1.57 -2.07
N GLU A 223 14.16 0.47 -1.32
CA GLU A 223 13.02 -0.45 -1.20
C GLU A 223 13.02 -0.98 0.21
N ALA A 224 11.81 -1.21 0.74
CA ALA A 224 11.63 -1.75 2.10
C ALA A 224 10.55 -2.83 2.17
N LEU A 225 10.76 -3.80 3.09
CA LEU A 225 9.83 -4.91 3.33
C LEU A 225 9.45 -4.79 4.79
N THR A 226 8.16 -4.66 5.07
CA THR A 226 7.78 -4.34 6.46
C THR A 226 6.46 -4.93 6.95
N PRO A 227 6.51 -5.90 7.90
CA PRO A 227 5.26 -6.31 8.55
C PRO A 227 4.82 -5.33 9.65
N HIS A 228 3.52 -5.07 9.73
CA HIS A 228 2.93 -4.17 10.77
C HIS A 228 1.78 -4.88 11.48
N PRO A 229 2.00 -5.27 12.76
CA PRO A 229 0.95 -5.92 13.57
C PRO A 229 -0.01 -4.90 14.16
N CYS A 230 -1.23 -5.36 14.41
CA CYS A 230 -2.21 -4.61 15.23
C CYS A 230 -2.83 -5.55 16.26
N THR A 231 -3.26 -5.00 17.39
CA THR A 231 -3.86 -5.81 18.44
C THR A 231 -5.23 -6.36 18.06
N THR A 232 -5.93 -5.68 17.15
CA THR A 232 -7.07 -6.25 16.45
C THR A 232 -6.57 -6.57 15.05
N VAL A 233 -6.73 -7.81 14.62
CA VAL A 233 -6.12 -8.24 13.37
C VAL A 233 -6.79 -7.59 12.15
N GLY A 234 -8.11 -7.64 12.09
CA GLY A 234 -8.87 -7.17 10.95
C GLY A 234 -9.34 -5.72 11.06
N GLN A 235 -10.23 -5.34 10.16
CA GLN A 235 -10.63 -3.95 9.99
C GLN A 235 -11.38 -3.52 11.24
N GLU A 236 -11.02 -2.36 11.77
CA GLU A 236 -11.64 -1.82 12.97
C GLU A 236 -11.54 -0.30 12.96
N ILE A 237 -12.68 0.35 13.19
CA ILE A 237 -12.74 1.82 13.31
C ILE A 237 -11.97 2.28 14.56
N CYS A 238 -11.42 3.48 14.50
CA CYS A 238 -10.76 4.10 15.65
C CYS A 238 -11.27 5.53 15.77
N GLU A 239 -11.18 6.08 16.98
CA GLU A 239 -11.69 7.42 17.31
C GLU A 239 -10.59 8.45 17.47
N GLY A 240 -10.58 9.45 16.57
CA GLY A 240 -9.69 10.59 16.67
C GLY A 240 -8.25 10.27 16.96
N ASP A 241 -7.64 10.99 17.89
CA ASP A 241 -6.21 10.81 18.17
C ASP A 241 -5.87 9.46 18.82
N GLY A 242 -6.90 8.81 19.36
CA GLY A 242 -6.80 7.43 19.83
C GLY A 242 -6.46 6.48 18.70
N CYS A 243 -6.60 6.96 17.47
CA CYS A 243 -6.19 6.19 16.30
C CYS A 243 -4.70 5.88 16.24
N GLY A 244 -3.85 6.79 16.72
CA GLY A 244 -2.43 6.69 16.48
C GLY A 244 -2.19 6.91 14.98
N GLY A 245 -1.02 6.51 14.49
CA GLY A 245 -0.74 6.60 13.07
C GLY A 245 -0.28 7.96 12.54
N THR A 246 0.02 8.01 11.26
CA THR A 246 0.54 9.22 10.61
C THR A 246 -0.41 10.42 10.71
N TYR A 247 -1.70 10.14 10.85
CA TYR A 247 -2.73 11.17 10.73
C TYR A 247 -3.14 11.71 12.10
N SER A 248 -2.44 11.26 13.16
CA SER A 248 -2.70 11.72 14.53
C SER A 248 -1.50 12.43 15.16
N ASP A 249 -1.78 13.27 16.15
CA ASP A 249 -0.75 13.85 17.00
C ASP A 249 0.13 12.80 17.66
N ASN A 250 -0.51 11.80 18.28
CA ASN A 250 0.20 10.74 18.99
C ASN A 250 0.32 9.47 18.13
N ARG A 251 1.43 9.39 17.41
CA ARG A 251 1.71 8.28 16.52
C ARG A 251 1.48 6.90 17.14
N TYR A 252 1.79 6.77 18.43
CA TYR A 252 1.82 5.45 19.06
C TYR A 252 0.69 5.18 20.04
N GLY A 253 -0.28 6.08 20.06
CA GLY A 253 -1.43 5.91 20.96
C GLY A 253 -2.63 5.16 20.39
N GLY A 254 -2.39 4.13 19.57
CA GLY A 254 -3.48 3.35 19.00
C GLY A 254 -3.23 1.85 19.03
N THR A 255 -4.04 1.10 18.28
CA THR A 255 -4.03 -0.37 18.26
C THR A 255 -3.08 -0.98 17.20
N CYS A 256 -2.59 -0.16 16.28
CA CYS A 256 -1.66 -0.65 15.25
C CYS A 256 -0.23 -0.17 15.46
N ASP A 257 0.71 -0.91 14.88
CA ASP A 257 2.08 -0.48 14.83
C ASP A 257 2.35 0.29 13.52
N PRO A 258 2.49 1.63 13.55
CA PRO A 258 2.68 2.38 12.31
C PRO A 258 4.11 2.34 11.80
N ASP A 259 5.05 1.89 12.63
CA ASP A 259 6.44 1.85 12.20
C ASP A 259 6.77 0.53 11.52
N GLY A 260 6.41 -0.57 12.17
CA GLY A 260 6.70 -1.91 11.61
C GLY A 260 8.13 -2.36 11.83
N CYS A 261 8.39 -3.65 11.59
CA CYS A 261 9.74 -4.17 11.58
C CYS A 261 10.22 -4.15 10.13
N ASP A 262 10.88 -3.06 9.75
CA ASP A 262 11.21 -2.82 8.34
C ASP A 262 12.57 -3.39 8.02
N TRP A 263 12.70 -3.90 6.80
CA TRP A 263 13.98 -4.32 6.30
C TRP A 263 14.23 -3.57 4.99
N ASN A 264 15.20 -2.64 5.04
CA ASN A 264 15.65 -1.87 3.91
C ASN A 264 17.15 -2.13 3.77
N PRO A 265 17.59 -2.83 2.68
CA PRO A 265 18.99 -3.22 2.61
C PRO A 265 19.98 -2.05 2.72
N TYR A 266 19.61 -0.90 2.14
CA TYR A 266 20.42 0.31 2.24
C TYR A 266 20.54 0.77 3.71
N ARG A 267 19.40 0.83 4.39
CA ARG A 267 19.36 1.22 5.82
C ARG A 267 20.27 0.34 6.67
N LEU A 268 20.30 -0.95 6.33
CA LEU A 268 21.05 -1.93 7.07
C LEU A 268 22.54 -1.96 6.69
N GLY A 269 22.94 -1.15 5.73
CA GLY A 269 24.37 -0.95 5.45
C GLY A 269 24.86 -1.37 4.10
N ASN A 270 24.04 -2.13 3.35
CA ASN A 270 24.44 -2.49 2.01
C ASN A 270 23.90 -1.48 1.04
N THR A 271 24.71 -0.45 0.78
CA THR A 271 24.33 0.64 -0.10
C THR A 271 24.54 0.32 -1.59
N SER A 272 25.07 -0.86 -1.85
CA SER A 272 25.43 -1.30 -3.19
C SER A 272 24.41 -2.28 -3.79
N PHE A 273 23.39 -2.65 -3.01
CA PHE A 273 22.51 -3.74 -3.44
C PHE A 273 21.48 -3.36 -4.50
N TYR A 274 20.90 -2.18 -4.37
CA TYR A 274 19.73 -1.86 -5.15
C TYR A 274 19.81 -0.42 -5.58
N GLY A 275 19.86 -0.16 -6.88
CA GLY A 275 19.92 1.23 -7.32
C GLY A 275 20.01 1.30 -8.83
N PRO A 276 20.01 2.53 -9.37
CA PRO A 276 20.01 2.72 -10.80
C PRO A 276 21.39 2.47 -11.41
N GLY A 277 21.45 1.53 -12.35
CA GLY A 277 22.64 1.28 -13.15
C GLY A 277 23.43 0.06 -12.71
N SER A 278 24.47 -0.23 -13.48
CA SER A 278 25.20 -1.49 -13.38
C SER A 278 26.18 -1.53 -12.21
N SER A 279 26.28 -0.43 -11.45
CA SER A 279 27.09 -0.41 -10.21
C SER A 279 26.34 -0.95 -8.99
N PHE A 280 25.13 -1.46 -9.20
CA PHE A 280 24.34 -2.04 -8.12
C PHE A 280 24.09 -3.51 -8.41
N THR A 281 23.87 -4.30 -7.36
CA THR A 281 23.57 -5.72 -7.53
C THR A 281 22.30 -5.92 -8.34
N LEU A 282 21.24 -5.20 -7.96
CA LEU A 282 20.00 -5.15 -8.74
C LEU A 282 19.93 -3.77 -9.39
N ASP A 283 19.87 -3.75 -10.72
CA ASP A 283 19.82 -2.52 -11.53
C ASP A 283 18.39 -2.03 -11.70
N THR A 284 18.06 -0.92 -11.04
CA THR A 284 16.67 -0.47 -10.99
C THR A 284 16.20 0.29 -12.25
N THR A 285 17.11 0.50 -13.19
CA THR A 285 16.69 0.86 -14.53
C THR A 285 16.02 -0.30 -15.28
N LYS A 286 16.11 -1.53 -14.77
CA LYS A 286 15.53 -2.68 -15.46
CA LYS A 286 15.58 -2.72 -15.45
C LYS A 286 14.54 -3.45 -14.58
N LYS A 287 13.60 -4.16 -15.21
CA LYS A 287 12.61 -4.96 -14.47
CA LYS A 287 12.61 -4.99 -14.51
C LYS A 287 13.32 -5.97 -13.58
N LEU A 288 12.74 -6.24 -12.41
CA LEU A 288 13.27 -7.23 -11.49
C LEU A 288 12.12 -8.05 -10.91
N THR A 289 12.45 -9.26 -10.44
CA THR A 289 11.48 -10.14 -9.84
C THR A 289 11.72 -10.15 -8.34
N VAL A 290 10.65 -10.03 -7.56
CA VAL A 290 10.72 -9.99 -6.10
C VAL A 290 9.85 -11.10 -5.53
N VAL A 291 10.45 -11.98 -4.72
CA VAL A 291 9.75 -13.14 -4.16
C VAL A 291 9.81 -13.07 -2.62
N THR A 292 8.65 -13.26 -1.99
CA THR A 292 8.55 -13.10 -0.53
C THR A 292 7.84 -14.32 0.02
N GLN A 293 8.46 -14.98 1.00
CA GLN A 293 8.03 -16.30 1.48
C GLN A 293 7.68 -16.21 2.96
N PHE A 294 6.53 -16.75 3.33
CA PHE A 294 5.99 -16.59 4.68
C PHE A 294 6.02 -17.94 5.38
N GLU A 295 7.17 -18.28 5.93
CA GLU A 295 7.30 -19.61 6.55
C GLU A 295 6.40 -19.71 7.80
N THR A 296 6.04 -20.94 8.16
CA THR A 296 5.03 -21.08 9.22
C THR A 296 5.49 -20.63 10.62
N SER A 297 6.80 -20.48 10.81
CA SER A 297 7.33 -19.95 12.08
C SER A 297 6.88 -18.51 12.27
N GLY A 298 6.49 -17.86 11.19
CA GLY A 298 6.15 -16.44 11.20
C GLY A 298 7.26 -15.52 10.70
N ALA A 299 8.45 -16.06 10.42
CA ALA A 299 9.54 -15.33 9.77
C ALA A 299 9.27 -15.15 8.27
N ILE A 300 9.92 -14.13 7.70
CA ILE A 300 9.73 -13.81 6.31
C ILE A 300 11.07 -13.90 5.58
N ASN A 301 11.08 -14.63 4.47
CA ASN A 301 12.28 -14.74 3.63
C ASN A 301 12.05 -14.08 2.28
N ARG A 302 13.14 -13.68 1.65
CA ARG A 302 13.07 -12.86 0.47
C ARG A 302 14.21 -13.17 -0.49
N TYR A 303 13.89 -13.34 -1.79
CA TYR A 303 14.95 -13.32 -2.79
C TYR A 303 14.49 -12.55 -4.02
N TYR A 304 15.45 -12.22 -4.88
CA TYR A 304 15.20 -11.41 -6.06
C TYR A 304 15.78 -12.16 -7.25
N VAL A 305 15.22 -11.95 -8.42
CA VAL A 305 15.84 -12.47 -9.63
C VAL A 305 15.91 -11.33 -10.66
N GLN A 306 17.07 -11.18 -11.30
CA GLN A 306 17.17 -10.22 -12.40
C GLN A 306 18.09 -10.82 -13.46
N ASN A 307 17.64 -10.78 -14.73
CA ASN A 307 18.38 -11.41 -15.85
C ASN A 307 18.85 -12.83 -15.50
N GLY A 308 17.95 -13.59 -14.87
CA GLY A 308 18.17 -15.00 -14.60
C GLY A 308 19.10 -15.30 -13.42
N VAL A 309 19.59 -14.26 -12.75
CA VAL A 309 20.48 -14.41 -11.62
C VAL A 309 19.68 -14.18 -10.34
N THR A 310 19.83 -15.12 -9.41
CA THR A 310 19.10 -15.11 -8.13
C THR A 310 19.95 -14.56 -6.99
N PHE A 311 19.36 -13.66 -6.20
CA PHE A 311 20.00 -13.11 -4.99
C PHE A 311 19.08 -13.21 -3.78
N GLN A 312 19.50 -13.91 -2.74
CA GLN A 312 18.77 -13.78 -1.47
C GLN A 312 18.84 -12.33 -1.01
N GLN A 313 17.87 -11.95 -0.16
CA GLN A 313 17.99 -10.74 0.66
C GLN A 313 19.43 -10.66 1.21
N PRO A 314 20.07 -9.50 1.06
CA PRO A 314 21.48 -9.44 1.55
C PRO A 314 21.57 -9.64 3.07
N ASN A 315 22.68 -10.27 3.49
CA ASN A 315 22.93 -10.42 4.93
C ASN A 315 23.09 -9.06 5.59
N ALA A 316 22.62 -8.97 6.83
CA ALA A 316 22.79 -7.78 7.66
C ALA A 316 23.25 -8.22 9.04
N GLU A 317 24.03 -7.38 9.69
CA GLU A 317 24.43 -7.62 11.07
C GLU A 317 23.98 -6.40 11.86
N LEU A 318 23.24 -6.64 12.94
CA LEU A 318 22.65 -5.58 13.75
C LEU A 318 22.58 -6.06 15.20
N GLY A 319 23.39 -5.45 16.07
CA GLY A 319 23.49 -5.94 17.44
C GLY A 319 23.92 -7.38 17.38
N SER A 320 23.16 -8.25 18.04
CA SER A 320 23.50 -9.68 18.07
C SER A 320 22.88 -10.46 16.91
N TYR A 321 22.11 -9.76 16.07
CA TYR A 321 21.49 -10.42 14.93
C TYR A 321 22.45 -10.51 13.75
N SER A 322 22.43 -11.64 13.07
CA SER A 322 23.16 -11.81 11.81
C SER A 322 22.41 -12.76 10.88
N GLY A 323 22.18 -12.33 9.64
CA GLY A 323 21.52 -13.17 8.66
C GLY A 323 20.68 -12.36 7.66
N ASN A 324 19.77 -13.05 6.99
CA ASN A 324 18.95 -12.40 5.96
C ASN A 324 17.48 -12.71 6.05
N GLU A 325 17.08 -13.38 7.13
CA GLU A 325 15.67 -13.71 7.36
C GLU A 325 15.07 -12.68 8.32
N LEU A 326 13.90 -12.17 7.99
CA LEU A 326 13.20 -11.23 8.88
C LEU A 326 12.47 -12.05 9.93
N ASN A 327 13.07 -12.16 11.12
CA ASN A 327 12.53 -13.00 12.19
C ASN A 327 12.49 -12.20 13.49
N ASP A 328 12.07 -12.85 14.58
CA ASP A 328 11.99 -12.25 15.92
C ASP A 328 13.32 -11.61 16.30
N ASP A 329 14.40 -12.35 16.12
CA ASP A 329 15.72 -11.84 16.47
C ASP A 329 16.08 -10.57 15.72
N TYR A 330 15.79 -10.51 14.41
CA TYR A 330 15.99 -9.28 13.67
C TYR A 330 15.20 -8.11 14.27
N CYS A 331 13.91 -8.33 14.47
CA CYS A 331 13.04 -7.23 14.86
C CYS A 331 13.41 -6.70 16.24
N THR A 332 13.78 -7.61 17.14
CA THR A 332 14.17 -7.23 18.50
C THR A 332 15.48 -6.45 18.44
N ALA A 333 16.41 -6.94 17.63
CA ALA A 333 17.70 -6.29 17.45
C ALA A 333 17.53 -4.91 16.81
N GLU A 334 16.60 -4.79 15.85
CA GLU A 334 16.35 -3.48 15.21
C GLU A 334 15.91 -2.45 16.24
N GLU A 335 14.95 -2.83 17.07
CA GLU A 335 14.47 -1.93 18.13
C GLU A 335 15.60 -1.54 19.07
N ALA A 336 16.43 -2.52 19.41
CA ALA A 336 17.57 -2.27 20.29
C ALA A 336 18.55 -1.26 19.67
N GLU A 337 18.84 -1.41 18.38
CA GLU A 337 19.91 -0.63 17.72
C GLU A 337 19.44 0.67 17.08
N PHE A 338 18.25 0.65 16.48
CA PHE A 338 17.67 1.84 15.81
C PHE A 338 16.68 2.61 16.71
N GLY A 339 16.17 1.95 17.75
CA GLY A 339 15.23 2.54 18.70
C GLY A 339 13.79 2.15 18.45
N GLY A 340 12.93 2.45 19.42
CA GLY A 340 11.48 2.24 19.28
C GLY A 340 11.00 0.95 19.92
N SER A 341 9.70 0.89 20.19
CA SER A 341 9.08 -0.28 20.80
C SER A 341 7.69 -0.59 20.23
N SER A 342 7.31 0.10 19.16
CA SER A 342 5.97 -0.07 18.62
C SER A 342 5.69 -1.50 18.11
N PHE A 343 6.64 -2.06 17.37
CA PHE A 343 6.45 -3.40 16.76
C PHE A 343 6.27 -4.43 17.86
N SER A 344 7.16 -4.42 18.86
CA SER A 344 7.04 -5.38 19.97
C SER A 344 5.85 -5.11 20.89
N ASP A 345 5.53 -3.85 21.14
CA ASP A 345 4.34 -3.48 21.92
C ASP A 345 3.07 -4.07 21.33
N LYS A 346 3.00 -4.11 19.99
CA LYS A 346 1.85 -4.65 19.30
C LYS A 346 1.91 -6.16 19.05
N GLY A 347 2.93 -6.81 19.59
CA GLY A 347 2.97 -8.28 19.62
C GLY A 347 3.92 -8.92 18.62
N GLY A 348 4.68 -8.10 17.90
CA GLY A 348 5.69 -8.61 16.97
C GLY A 348 5.19 -9.58 15.90
N LEU A 349 6.07 -10.49 15.52
CA LEU A 349 5.78 -11.45 14.44
C LEU A 349 4.71 -12.47 14.86
N THR A 350 4.63 -12.75 16.17
CA THR A 350 3.59 -13.63 16.69
C THR A 350 2.20 -13.08 16.43
N GLN A 351 2.00 -11.78 16.71
CA GLN A 351 0.70 -11.18 16.46
C GLN A 351 0.51 -11.04 14.96
N PHE A 352 1.62 -10.82 14.25
CA PHE A 352 1.48 -10.61 12.82
C PHE A 352 1.07 -11.89 12.08
N LYS A 353 1.52 -13.02 12.61
CA LYS A 353 1.15 -14.33 12.08
C LYS A 353 -0.37 -14.53 12.11
N LYS A 354 -1.06 -13.88 13.04
CA LYS A 354 -2.51 -13.98 13.03
C LYS A 354 -3.12 -13.38 11.76
N ALA A 355 -2.47 -12.33 11.20
CA ALA A 355 -2.95 -11.73 9.96
C ALA A 355 -2.68 -12.63 8.75
N THR A 356 -1.45 -13.14 8.66
CA THR A 356 -1.08 -13.93 7.48
C THR A 356 -1.74 -15.32 7.51
N SER A 357 -2.19 -15.76 8.68
CA SER A 357 -2.95 -17.00 8.82
CA SER A 357 -2.93 -17.01 8.78
C SER A 357 -4.39 -16.84 8.32
N GLY A 358 -4.87 -15.60 8.27
CA GLY A 358 -6.20 -15.28 7.79
C GLY A 358 -6.11 -14.70 6.39
N GLY A 359 -7.20 -14.15 5.89
CA GLY A 359 -7.22 -13.59 4.54
C GLY A 359 -6.79 -12.14 4.50
N MET A 360 -5.99 -11.80 3.48
CA MET A 360 -5.59 -10.43 3.19
C MET A 360 -5.81 -10.09 1.74
N VAL A 361 -6.10 -8.82 1.49
CA VAL A 361 -6.34 -8.28 0.16
C VAL A 361 -5.08 -7.62 -0.37
N LEU A 362 -4.82 -7.85 -1.66
CA LEU A 362 -3.66 -7.30 -2.36
C LEU A 362 -3.96 -5.88 -2.84
N VAL A 363 -3.04 -4.98 -2.51
CA VAL A 363 -3.13 -3.54 -2.83
C VAL A 363 -1.93 -3.19 -3.67
N MET A 364 -2.14 -2.45 -4.77
CA MET A 364 -1.06 -1.84 -5.52
C MET A 364 -1.34 -0.34 -5.66
N SER A 365 -0.32 0.47 -5.42
CA SER A 365 -0.53 1.91 -5.39
C SER A 365 0.68 2.69 -5.82
N LEU A 366 0.44 3.97 -6.14
CA LEU A 366 1.51 4.88 -6.44
C LEU A 366 1.16 6.17 -5.72
N TRP A 367 2.10 6.65 -4.91
CA TRP A 367 1.83 7.82 -4.08
C TRP A 367 3.06 8.69 -3.80
N ASP A 368 2.82 9.96 -3.52
CA ASP A 368 3.82 10.81 -2.88
C ASP A 368 3.36 11.11 -1.48
N ASP A 369 4.24 11.69 -0.68
CA ASP A 369 4.07 11.68 0.77
C ASP A 369 3.95 13.10 1.32
N TYR A 370 2.72 13.52 1.61
CA TYR A 370 2.44 14.87 2.11
C TYR A 370 2.82 15.08 3.56
N TYR A 371 3.13 14.01 4.30
CA TYR A 371 3.47 14.12 5.69
C TYR A 371 4.99 14.16 5.87
N ALA A 372 5.73 13.33 5.13
CA ALA A 372 7.18 13.20 5.34
C ALA A 372 8.07 13.15 4.10
N ASN A 373 7.47 13.44 2.93
CA ASN A 373 8.22 13.57 1.65
C ASN A 373 8.99 12.32 1.28
N MET A 374 8.56 11.18 1.84
CA MET A 374 9.16 9.87 1.56
C MET A 374 10.60 9.74 2.07
N LEU A 375 11.01 10.66 2.94
CA LEU A 375 12.39 10.65 3.47
C LEU A 375 12.69 9.44 4.35
N TRP A 376 11.67 8.92 5.04
CA TRP A 376 11.80 7.65 5.79
C TRP A 376 12.20 6.43 4.91
N LEU A 377 11.92 6.51 3.61
CA LEU A 377 12.25 5.43 2.69
C LEU A 377 13.57 5.63 1.99
N ASP A 378 13.84 6.84 1.51
CA ASP A 378 14.92 7.01 0.50
C ASP A 378 15.96 8.07 0.84
N SER A 379 15.89 8.62 2.06
CA SER A 379 16.78 9.71 2.43
C SER A 379 17.31 9.51 3.85
N THR A 380 17.69 10.61 4.52
CA THR A 380 18.12 10.59 5.91
C THR A 380 17.00 11.16 6.76
N TYR A 381 16.64 10.46 7.83
CA TYR A 381 15.39 10.74 8.56
C TYR A 381 15.48 10.30 10.03
N PRO A 382 15.13 11.16 10.98
CA PRO A 382 14.84 12.59 10.74
C PRO A 382 16.02 13.34 10.08
N THR A 383 15.71 14.46 9.42
CA THR A 383 16.68 15.10 8.53
C THR A 383 17.84 15.79 9.26
N ASN A 384 17.69 16.03 10.56
CA ASN A 384 18.78 16.60 11.36
C ASN A 384 19.80 15.56 11.80
N GLU A 385 19.51 14.28 11.61
CA GLU A 385 20.45 13.23 11.98
C GLU A 385 21.56 13.13 10.95
N THR A 386 22.65 12.51 11.34
CA THR A 386 23.72 12.21 10.40
C THR A 386 23.86 10.70 10.25
N SER A 387 24.79 10.27 9.42
CA SER A 387 25.13 8.85 9.28
C SER A 387 25.63 8.18 10.58
N SER A 388 25.96 8.98 11.60
CA SER A 388 26.44 8.44 12.87
C SER A 388 25.28 8.00 13.78
N THR A 389 24.07 8.41 13.43
CA THR A 389 22.88 7.88 14.06
C THR A 389 22.56 6.55 13.37
N PRO A 390 22.54 5.45 14.15
CA PRO A 390 22.22 4.14 13.59
C PRO A 390 20.85 4.16 12.90
N GLY A 391 20.83 3.79 11.61
CA GLY A 391 19.59 3.64 10.85
C GLY A 391 19.00 4.94 10.30
N ALA A 392 19.70 6.04 10.49
CA ALA A 392 19.18 7.30 9.98
C ALA A 392 19.17 7.38 8.44
N VAL A 393 20.18 6.83 7.78
CA VAL A 393 20.28 6.93 6.33
C VAL A 393 19.58 5.72 5.72
N ARG A 394 18.56 5.97 4.91
CA ARG A 394 17.78 4.88 4.27
C ARG A 394 17.94 4.85 2.77
N GLY A 395 18.54 5.90 2.23
CA GLY A 395 18.80 5.97 0.84
C GLY A 395 19.62 7.20 0.56
N SER A 396 19.94 7.38 -0.71
CA SER A 396 20.86 8.42 -1.20
C SER A 396 20.16 9.75 -1.57
N CYS A 397 18.84 9.80 -1.56
CA CYS A 397 18.11 11.02 -1.91
C CYS A 397 18.43 12.15 -0.92
N SER A 398 18.50 13.37 -1.44
CA SER A 398 18.67 14.54 -0.56
C SER A 398 17.55 14.69 0.48
N THR A 399 17.88 15.22 1.66
CA THR A 399 16.85 15.49 2.65
C THR A 399 15.87 16.57 2.16
N SER A 400 16.17 17.20 1.02
CA SER A 400 15.31 18.25 0.43
C SER A 400 14.35 17.65 -0.62
N SER A 401 14.46 16.35 -0.85
CA SER A 401 13.67 15.70 -1.89
CA SER A 401 13.68 15.67 -1.89
C SER A 401 12.22 15.41 -1.49
N GLY A 402 11.39 15.18 -2.50
CA GLY A 402 10.04 14.64 -2.30
C GLY A 402 8.94 15.59 -1.89
N VAL A 403 9.18 16.90 -1.98
CA VAL A 403 8.08 17.85 -1.76
C VAL A 403 7.00 17.57 -2.80
N PRO A 404 5.78 17.24 -2.35
CA PRO A 404 4.77 16.79 -3.31
C PRO A 404 4.56 17.74 -4.51
N ALA A 405 4.41 19.02 -4.24
CA ALA A 405 4.13 19.96 -5.32
C ALA A 405 5.30 20.00 -6.30
N GLN A 406 6.51 19.82 -5.78
CA GLN A 406 7.68 19.84 -6.65
C GLN A 406 7.76 18.58 -7.48
N VAL A 407 7.62 17.41 -6.85
CA VAL A 407 7.68 16.18 -7.64
C VAL A 407 6.51 16.02 -8.63
N GLU A 408 5.34 16.54 -8.26
CA GLU A 408 4.18 16.50 -9.15
C GLU A 408 4.40 17.40 -10.38
N SER A 409 5.07 18.54 -10.15
CA SER A 409 5.41 19.44 -11.25
CA SER A 409 5.43 19.45 -11.24
C SER A 409 6.56 18.94 -12.14
N GLN A 410 7.59 18.37 -11.52
CA GLN A 410 8.81 17.93 -12.25
C GLN A 410 8.75 16.56 -12.86
N SER A 411 8.06 15.65 -12.18
CA SER A 411 7.98 14.26 -12.61
C SER A 411 6.54 13.74 -12.82
N PRO A 412 5.67 14.52 -13.50
CA PRO A 412 4.29 14.05 -13.66
C PRO A 412 4.18 12.72 -14.40
N ASN A 413 5.17 12.39 -15.24
CA ASN A 413 5.09 11.19 -16.05
C ASN A 413 5.73 9.99 -15.40
N ALA A 414 6.14 10.16 -14.14
CA ALA A 414 6.58 9.01 -13.37
C ALA A 414 5.50 7.96 -13.37
N LYS A 415 5.89 6.70 -13.23
CA LYS A 415 4.95 5.59 -13.26
CA LYS A 415 4.97 5.58 -13.29
C LYS A 415 5.59 4.36 -12.63
N VAL A 416 4.74 3.38 -12.30
CA VAL A 416 5.19 2.05 -11.84
C VAL A 416 4.44 0.99 -12.63
N THR A 417 5.12 -0.11 -12.93
CA THR A 417 4.49 -1.23 -13.59
C THR A 417 4.74 -2.51 -12.78
N PHE A 418 3.64 -3.12 -12.34
CA PHE A 418 3.68 -4.39 -11.62
C PHE A 418 3.18 -5.44 -12.58
N SER A 419 3.83 -6.61 -12.61
CA SER A 419 3.43 -7.63 -13.55
C SER A 419 3.76 -9.03 -13.05
N ASN A 420 3.23 -10.03 -13.76
CA ASN A 420 3.56 -11.42 -13.53
CA ASN A 420 3.54 -11.43 -13.52
C ASN A 420 3.41 -11.85 -12.06
N ILE A 421 2.27 -11.51 -11.46
CA ILE A 421 1.96 -11.95 -10.09
C ILE A 421 1.81 -13.47 -10.05
N LYS A 422 2.48 -14.10 -9.10
CA LYS A 422 2.35 -15.55 -8.96
C LYS A 422 2.27 -15.84 -7.47
N PHE A 423 1.36 -16.73 -7.11
CA PHE A 423 1.11 -17.03 -5.71
C PHE A 423 0.92 -18.54 -5.51
N GLY A 424 1.55 -19.10 -4.48
CA GLY A 424 1.35 -20.52 -4.19
C GLY A 424 2.19 -20.93 -3.01
N PRO A 425 2.27 -22.23 -2.71
CA PRO A 425 3.13 -22.74 -1.67
C PRO A 425 4.57 -22.31 -1.83
N ILE A 426 5.23 -22.14 -0.72
CA ILE A 426 6.67 -21.89 -0.75
C ILE A 426 7.36 -22.89 -1.69
N GLY A 427 8.22 -22.36 -2.55
CA GLY A 427 8.97 -23.19 -3.47
C GLY A 427 8.29 -23.37 -4.80
N SER A 428 7.07 -22.88 -4.97
CA SER A 428 6.29 -23.27 -6.16
C SER A 428 6.28 -22.26 -7.29
N THR A 429 6.52 -20.98 -6.99
CA THR A 429 6.23 -19.91 -7.96
C THR A 429 7.26 -19.78 -9.08
N GLY A 430 8.40 -20.43 -8.94
CA GLY A 430 9.44 -20.37 -9.98
C GLY A 430 9.18 -21.34 -11.12
N ASN A 431 8.19 -22.22 -10.95
CA ASN A 431 7.82 -23.19 -11.95
C ASN A 431 7.04 -22.55 -13.08
N PRO A 432 6.97 -23.22 -14.25
CA PRO A 432 6.36 -22.54 -15.39
C PRO A 432 4.92 -22.06 -15.20
N SER A 433 4.65 -20.85 -15.66
CA SER A 433 3.30 -20.31 -15.65
C SER A 433 2.44 -21.10 -16.62
N GLY A 434 1.17 -21.29 -16.28
CA GLY A 434 0.24 -22.04 -17.13
C GLY A 434 -0.24 -21.12 -18.24
#